data_1QP7
#
_entry.id   1QP7
#
_cell.length_a   176.670
_cell.length_b   95.490
_cell.length_c   80.300
_cell.angle_alpha   90.00
_cell.angle_beta   90.00
_cell.angle_gamma   90.00
#
_symmetry.space_group_name_H-M   'C 2 2 21'
#
loop_
_entity.id
_entity.type
_entity.pdbx_description
1 polymer "DNA (5'-D(*TP*AP*CP*GP*CP*AP*AP*CP*CP*GP*GP*TP*TP*GP*CP*GP*T)-3')"
2 polymer 'PROTEIN (PURINE NUCLEOTIDE SYNTHESIS REPRESSOR)'
3 non-polymer HYPOXANTHINE
4 water water
#
loop_
_entity_poly.entity_id
_entity_poly.type
_entity_poly.pdbx_seq_one_letter_code
_entity_poly.pdbx_strand_id
1 'polydeoxyribonucleotide' (DT)(DA)(DC)(DG)(DC)(DA)(DA)(DC)(DC)(DG)(DG)(DT)(DT)(DG)(DC)(DG)(DT) M
2 'polypeptide(L)'
;ATIKDVAKRANVSTTTVSHVINKTRFVAEETRNAVWAAIKELHYSPSAVARSLAVNHTKSIGLLATSSEAAYFAEIIEAV
EKNCFQKGYTLILGNAWNNLEKQRAYLSMMAQKRVDGLLVMCSEYPEPLLAMLEEYRHIPMVVMDWGEAKADFTDAVIDN
AFEGGYMAGRYLIERGHREIGVIPGPLERNTGAGRLAGFMKAMEEAMIKVPESWIVQGDFEPESGYRAMQQILSQPHRPT
AVFCGGDIMAMGALCAADEMGLRVPQDVSLIGYDNVRNARYFTPALTTIHQPKDSLGETAFNMLLDRIVNKREEPQSIEV
HPRLIERRSVADGPFRDYRR
;
A
#
# COMPACT_ATOMS: atom_id res chain seq x y z
N THR B 2 8.40 -39.48 7.71
CA THR B 2 7.79 -39.40 9.04
C THR B 2 6.33 -39.85 8.93
N ILE B 3 5.68 -39.58 7.79
CA ILE B 3 4.31 -40.05 7.61
C ILE B 3 4.32 -41.60 7.71
N LYS B 4 5.41 -42.23 7.26
CA LYS B 4 5.56 -43.69 7.34
C LYS B 4 5.60 -44.05 8.80
N ASP B 5 6.30 -43.25 9.54
CA ASP B 5 6.42 -43.55 10.94
C ASP B 5 5.07 -43.58 11.59
N VAL B 6 4.19 -42.75 11.11
CA VAL B 6 2.89 -42.75 11.76
C VAL B 6 2.12 -43.98 11.35
N ALA B 7 2.10 -44.18 10.04
CA ALA B 7 1.37 -45.31 9.48
C ALA B 7 1.78 -46.58 10.24
N LYS B 8 3.09 -46.68 10.48
CA LYS B 8 3.60 -47.82 11.20
C LYS B 8 3.17 -48.04 12.62
N ARG B 9 3.09 -46.94 13.33
CA ARG B 9 2.65 -47.06 14.69
C ARG B 9 1.20 -47.45 14.57
N ALA B 10 0.48 -46.77 13.69
CA ALA B 10 -0.94 -47.02 13.49
C ALA B 10 -1.34 -48.32 12.83
N ASN B 11 -0.38 -48.98 12.22
CA ASN B 11 -0.64 -50.25 11.55
C ASN B 11 -1.68 -50.06 10.50
N VAL B 12 -1.47 -49.03 9.69
CA VAL B 12 -2.32 -48.69 8.58
C VAL B 12 -1.38 -48.17 7.53
N SER B 13 -1.90 -47.93 6.36
CA SER B 13 -1.07 -47.41 5.30
C SER B 13 -0.92 -45.90 5.48
N THR B 14 0.05 -45.36 4.79
CA THR B 14 0.31 -43.96 4.84
C THR B 14 -0.88 -43.28 4.18
N THR B 15 -1.33 -43.91 3.09
CA THR B 15 -2.47 -43.42 2.32
C THR B 15 -3.54 -43.15 3.34
N THR B 16 -3.71 -44.13 4.21
CA THR B 16 -4.70 -43.96 5.19
C THR B 16 -4.36 -42.73 5.98
N VAL B 17 -3.26 -42.79 6.71
CA VAL B 17 -2.82 -41.66 7.52
C VAL B 17 -3.06 -40.34 6.82
N SER B 18 -2.76 -40.31 5.54
CA SER B 18 -2.98 -39.11 4.85
C SER B 18 -4.44 -38.75 4.96
N HIS B 19 -5.31 -39.44 4.23
CA HIS B 19 -6.76 -39.20 4.24
C HIS B 19 -7.37 -38.76 5.55
N VAL B 20 -7.02 -39.44 6.62
CA VAL B 20 -7.59 -39.03 7.90
C VAL B 20 -7.20 -37.62 8.21
N ILE B 21 -5.93 -37.35 8.07
CA ILE B 21 -5.40 -36.03 8.32
C ILE B 21 -6.12 -34.99 7.47
N ASN B 22 -6.35 -35.28 6.20
CA ASN B 22 -7.04 -34.27 5.42
C ASN B 22 -8.45 -34.61 5.07
N LYS B 23 -9.07 -35.41 5.95
CA LYS B 23 -10.47 -35.85 5.87
C LYS B 23 -10.85 -35.84 4.42
N THR B 24 -10.16 -36.62 3.66
CA THR B 24 -10.41 -36.57 2.24
C THR B 24 -11.07 -37.81 1.64
N ARG B 25 -11.50 -38.64 2.55
CA ARG B 25 -12.19 -39.86 2.22
C ARG B 25 -12.54 -40.51 3.57
N PHE B 26 -13.57 -41.35 3.58
CA PHE B 26 -13.99 -41.97 4.82
C PHE B 26 -13.06 -42.91 5.58
N VAL B 27 -13.04 -42.72 6.91
CA VAL B 27 -12.21 -43.61 7.70
C VAL B 27 -12.87 -44.08 8.95
N ALA B 28 -12.84 -45.39 9.12
CA ALA B 28 -13.39 -46.00 10.30
C ALA B 28 -12.86 -45.24 11.54
N GLU B 29 -13.77 -45.03 12.48
CA GLU B 29 -13.50 -44.32 13.72
C GLU B 29 -12.25 -44.86 14.37
N GLU B 30 -12.27 -46.14 14.70
CA GLU B 30 -11.11 -46.78 15.33
C GLU B 30 -9.86 -46.38 14.62
N THR B 31 -9.89 -46.68 13.33
CA THR B 31 -8.79 -46.39 12.47
C THR B 31 -8.40 -44.93 12.68
N ARG B 32 -9.37 -44.05 12.49
CA ARG B 32 -9.13 -42.63 12.65
C ARG B 32 -8.39 -42.37 13.95
N ASN B 33 -8.94 -42.86 15.04
CA ASN B 33 -8.35 -42.67 16.36
C ASN B 33 -6.91 -43.09 16.45
N ALA B 34 -6.67 -44.30 16.00
CA ALA B 34 -5.32 -44.83 16.02
C ALA B 34 -4.30 -43.85 15.42
N VAL B 35 -4.61 -43.39 14.20
CA VAL B 35 -3.77 -42.46 13.47
C VAL B 35 -3.60 -41.18 14.26
N TRP B 36 -4.67 -40.74 14.87
CA TRP B 36 -4.53 -39.56 15.61
C TRP B 36 -3.60 -39.83 16.75
N ALA B 37 -3.76 -40.98 17.38
CA ALA B 37 -2.87 -41.30 18.50
C ALA B 37 -1.43 -41.26 18.07
N ALA B 38 -1.14 -42.05 17.04
CA ALA B 38 0.20 -42.14 16.51
C ALA B 38 0.67 -40.71 16.28
N ILE B 39 -0.12 -39.96 15.49
CA ILE B 39 0.20 -38.59 15.15
C ILE B 39 0.60 -37.85 16.40
N LYS B 40 -0.11 -38.16 17.47
CA LYS B 40 0.22 -37.48 18.68
C LYS B 40 1.52 -37.88 19.34
N GLU B 41 1.69 -39.14 19.68
CA GLU B 41 2.95 -39.54 20.31
C GLU B 41 4.14 -39.18 19.47
N LEU B 42 4.08 -39.44 18.18
CA LEU B 42 5.26 -39.06 17.40
C LEU B 42 5.45 -37.57 17.30
N HIS B 43 4.44 -36.80 17.69
CA HIS B 43 4.54 -35.37 17.62
C HIS B 43 4.80 -35.16 16.16
N TYR B 44 3.78 -35.40 15.35
CA TYR B 44 3.90 -35.28 13.90
C TYR B 44 3.43 -33.97 13.27
N SER B 45 4.31 -33.33 12.51
CA SER B 45 3.92 -32.11 11.84
C SER B 45 4.12 -32.58 10.41
N PRO B 46 3.10 -32.43 9.61
CA PRO B 46 3.24 -32.90 8.26
C PRO B 46 4.02 -31.87 7.48
N SER B 47 4.96 -32.29 6.64
CA SER B 47 5.69 -31.30 5.86
C SER B 47 4.85 -30.58 4.78
N ALA B 48 4.82 -29.24 4.80
CA ALA B 48 4.08 -28.54 3.78
C ALA B 48 4.91 -28.55 2.51
N VAL B 49 6.22 -28.70 2.63
CA VAL B 49 6.94 -28.65 1.38
C VAL B 49 6.65 -29.88 0.58
N ALA B 50 6.60 -30.99 1.32
CA ALA B 50 6.34 -32.27 0.67
C ALA B 50 4.98 -32.15 0.04
N ARG B 51 4.03 -31.71 0.85
CA ARG B 51 2.73 -31.57 0.30
C ARG B 51 2.73 -30.64 -0.90
N SER B 52 3.41 -29.50 -0.81
CA SER B 52 3.38 -28.61 -1.95
C SER B 52 3.94 -29.23 -3.17
N LEU B 53 4.96 -30.06 -2.95
CA LEU B 53 5.65 -30.73 -4.04
C LEU B 53 4.64 -31.51 -4.80
N ALA B 54 3.86 -32.24 -4.02
CA ALA B 54 2.82 -33.05 -4.59
C ALA B 54 1.63 -32.24 -5.17
N VAL B 55 0.90 -31.54 -4.32
CA VAL B 55 -0.27 -30.78 -4.75
C VAL B 55 -0.09 -29.64 -5.69
N ASN B 56 1.13 -29.17 -5.88
CA ASN B 56 1.41 -28.07 -6.79
C ASN B 56 1.01 -26.65 -6.47
N HIS B 57 1.11 -26.29 -5.20
CA HIS B 57 0.80 -24.94 -4.76
C HIS B 57 1.32 -24.81 -3.34
N THR B 58 1.95 -23.70 -3.06
CA THR B 58 2.53 -23.46 -1.73
C THR B 58 1.63 -22.86 -0.65
N LYS B 59 0.52 -22.26 -1.07
CA LYS B 59 -0.39 -21.63 -0.16
C LYS B 59 0.35 -20.53 0.57
N SER B 60 1.08 -19.76 -0.20
CA SER B 60 1.79 -18.68 0.38
C SER B 60 1.86 -17.64 -0.72
N ILE B 61 1.75 -16.38 -0.34
CA ILE B 61 1.80 -15.33 -1.35
C ILE B 61 2.86 -14.33 -0.99
N GLY B 62 3.49 -13.77 -2.03
CA GLY B 62 4.56 -12.81 -1.77
C GLY B 62 4.26 -11.34 -2.10
N LEU B 63 4.72 -10.48 -1.20
CA LEU B 63 4.58 -9.03 -1.28
C LEU B 63 5.91 -8.48 -1.66
N LEU B 64 5.97 -8.00 -2.89
CA LEU B 64 7.19 -7.41 -3.40
C LEU B 64 6.98 -5.91 -3.23
N ALA B 65 7.34 -5.44 -2.06
CA ALA B 65 7.20 -4.05 -1.68
C ALA B 65 8.34 -3.16 -1.99
N THR B 66 8.31 -1.98 -1.37
CA THR B 66 9.34 -0.96 -1.52
C THR B 66 10.09 -0.84 -0.20
N SER B 67 9.42 -0.29 0.79
CA SER B 67 9.95 -0.10 2.12
C SER B 67 8.75 -0.54 2.98
N SER B 68 8.97 -0.88 4.24
CA SER B 68 7.88 -1.32 5.04
C SER B 68 7.75 -0.55 6.36
N GLU B 69 8.66 0.40 6.64
CA GLU B 69 8.55 1.12 7.91
C GLU B 69 7.58 2.28 7.77
N ALA B 70 7.68 2.96 6.64
CA ALA B 70 6.81 4.08 6.31
C ALA B 70 5.34 3.81 6.61
N ALA B 71 4.78 4.70 7.44
CA ALA B 71 3.40 4.58 7.86
C ALA B 71 2.47 4.05 6.81
N TYR B 72 2.48 4.80 5.70
CA TYR B 72 1.61 4.48 4.62
C TYR B 72 1.78 3.02 4.28
N PHE B 73 3.00 2.68 3.89
CA PHE B 73 3.29 1.32 3.58
C PHE B 73 2.97 0.39 4.70
N ALA B 74 3.50 0.71 5.85
CA ALA B 74 3.24 -0.16 6.97
C ALA B 74 1.78 -0.52 7.17
N GLU B 75 0.91 0.48 7.02
CA GLU B 75 -0.47 0.22 7.21
C GLU B 75 -1.00 -0.74 6.17
N ILE B 76 -0.65 -0.54 4.91
CA ILE B 76 -1.14 -1.47 3.91
C ILE B 76 -0.70 -2.91 4.19
N ILE B 77 0.58 -3.07 4.41
CA ILE B 77 1.07 -4.38 4.66
C ILE B 77 0.36 -5.09 5.80
N GLU B 78 0.25 -4.41 6.94
CA GLU B 78 -0.43 -4.99 8.08
C GLU B 78 -1.78 -5.52 7.62
N ALA B 79 -2.42 -4.76 6.74
CA ALA B 79 -3.73 -5.18 6.22
C ALA B 79 -3.59 -6.48 5.46
N VAL B 80 -2.79 -6.40 4.40
CA VAL B 80 -2.53 -7.53 3.57
C VAL B 80 -2.38 -8.78 4.40
N GLU B 81 -1.45 -8.77 5.34
CA GLU B 81 -1.25 -9.95 6.17
C GLU B 81 -2.50 -10.51 6.78
N LYS B 82 -3.32 -9.64 7.37
CA LYS B 82 -4.55 -10.07 8.03
C LYS B 82 -5.33 -10.94 7.08
N ASN B 83 -5.44 -10.46 5.86
CA ASN B 83 -6.17 -11.17 4.87
C ASN B 83 -5.58 -12.50 4.56
N CYS B 84 -4.28 -12.55 4.32
CA CYS B 84 -3.66 -13.82 4.05
C CYS B 84 -3.94 -14.81 5.20
N PHE B 85 -3.69 -14.37 6.42
CA PHE B 85 -3.91 -15.24 7.57
C PHE B 85 -5.23 -15.93 7.61
N GLN B 86 -6.20 -15.07 7.44
CA GLN B 86 -7.59 -15.41 7.47
C GLN B 86 -8.03 -16.43 6.45
N LYS B 87 -7.30 -16.52 5.36
CA LYS B 87 -7.62 -17.47 4.28
C LYS B 87 -6.47 -18.45 4.15
N GLY B 88 -5.86 -18.74 5.29
CA GLY B 88 -4.72 -19.67 5.30
C GLY B 88 -3.44 -19.44 4.45
N TYR B 89 -3.23 -18.23 3.95
CA TYR B 89 -2.04 -17.98 3.16
C TYR B 89 -0.93 -17.45 4.04
N THR B 90 0.28 -17.85 3.66
CA THR B 90 1.51 -17.45 4.35
C THR B 90 2.10 -16.26 3.55
N LEU B 91 2.60 -15.24 4.24
CA LEU B 91 3.15 -14.03 3.59
C LEU B 91 4.65 -13.85 3.52
N ILE B 92 5.14 -13.56 2.32
CA ILE B 92 6.54 -13.36 2.21
C ILE B 92 6.74 -11.90 1.92
N LEU B 93 7.27 -11.19 2.91
CA LEU B 93 7.50 -9.79 2.77
C LEU B 93 8.82 -9.50 2.05
N GLY B 94 8.85 -8.74 0.99
CA GLY B 94 10.14 -8.45 0.34
C GLY B 94 10.29 -6.97 -0.03
N ASN B 95 11.26 -6.26 0.53
CA ASN B 95 11.42 -4.83 0.20
C ASN B 95 12.50 -4.63 -0.83
N ALA B 96 12.18 -4.16 -2.06
CA ALA B 96 13.20 -3.93 -3.12
C ALA B 96 13.86 -2.56 -3.13
N TRP B 97 13.38 -1.71 -2.23
CA TRP B 97 13.94 -0.38 -2.08
C TRP B 97 14.13 0.37 -3.36
N ASN B 98 13.25 0.12 -4.31
CA ASN B 98 13.33 0.81 -5.59
C ASN B 98 14.66 0.52 -6.24
N ASN B 99 15.16 -0.68 -6.07
CA ASN B 99 16.44 -0.97 -6.67
C ASN B 99 16.16 -2.12 -7.56
N LEU B 100 16.45 -1.88 -8.82
CA LEU B 100 16.23 -2.89 -9.81
C LEU B 100 16.82 -4.26 -9.46
N GLU B 101 18.08 -4.26 -9.09
CA GLU B 101 18.75 -5.50 -8.77
C GLU B 101 18.07 -6.24 -7.65
N LYS B 102 17.83 -5.52 -6.57
CA LYS B 102 17.17 -6.05 -5.40
C LYS B 102 15.87 -6.55 -5.96
N GLN B 103 15.28 -5.76 -6.83
CA GLN B 103 14.05 -6.25 -7.33
C GLN B 103 14.14 -7.49 -8.21
N ARG B 104 15.15 -7.58 -9.08
CA ARG B 104 15.22 -8.79 -9.90
C ARG B 104 15.46 -9.95 -8.94
N ALA B 105 16.29 -9.68 -7.96
CA ALA B 105 16.61 -10.67 -6.98
C ALA B 105 15.39 -11.24 -6.26
N TYR B 106 14.64 -10.38 -5.62
CA TYR B 106 13.50 -10.83 -4.91
C TYR B 106 12.51 -11.56 -5.81
N LEU B 107 12.27 -10.96 -6.97
CA LEU B 107 11.35 -11.54 -7.95
C LEU B 107 11.76 -13.03 -8.17
N SER B 108 13.02 -13.28 -8.44
CA SER B 108 13.49 -14.65 -8.64
C SER B 108 13.38 -15.62 -7.45
N MET B 109 13.70 -15.18 -6.25
CA MET B 109 13.60 -16.09 -5.14
C MET B 109 12.12 -16.43 -5.05
N MET B 110 11.31 -15.39 -5.19
CA MET B 110 9.91 -15.58 -5.11
C MET B 110 9.39 -16.66 -6.04
N ALA B 111 9.78 -16.55 -7.29
CA ALA B 111 9.37 -17.54 -8.30
C ALA B 111 9.86 -18.93 -7.90
N GLN B 112 11.12 -18.99 -7.56
CA GLN B 112 11.68 -20.25 -7.16
C GLN B 112 10.94 -20.75 -5.96
N LYS B 113 10.65 -19.90 -5.00
CA LYS B 113 9.92 -20.38 -3.82
C LYS B 113 8.50 -20.76 -4.25
N ARG B 114 8.15 -20.43 -5.50
CA ARG B 114 6.83 -20.79 -6.05
C ARG B 114 5.62 -20.23 -5.31
N VAL B 115 5.64 -18.92 -5.12
CA VAL B 115 4.54 -18.25 -4.46
C VAL B 115 3.33 -18.45 -5.35
N ASP B 116 2.18 -18.63 -4.69
CA ASP B 116 0.93 -18.86 -5.39
C ASP B 116 0.47 -17.71 -6.26
N GLY B 117 0.81 -16.50 -5.82
CA GLY B 117 0.49 -15.23 -6.48
C GLY B 117 1.44 -14.14 -5.93
N LEU B 118 1.41 -12.98 -6.55
CA LEU B 118 2.23 -11.85 -6.17
C LEU B 118 1.53 -10.47 -5.96
N LEU B 119 1.82 -9.83 -4.84
CA LEU B 119 1.29 -8.51 -4.60
C LEU B 119 2.50 -7.57 -4.92
N VAL B 120 2.28 -6.56 -5.78
CA VAL B 120 3.35 -5.63 -6.18
C VAL B 120 3.17 -4.16 -5.82
N MET B 121 4.10 -3.66 -5.02
CA MET B 121 4.08 -2.26 -4.56
C MET B 121 5.47 -1.69 -4.77
N CYS B 122 5.78 -1.41 -6.02
CA CYS B 122 7.09 -0.90 -6.30
C CYS B 122 7.36 0.56 -6.34
N SER B 123 6.33 1.35 -6.13
CA SER B 123 6.54 2.78 -6.16
C SER B 123 6.86 3.32 -7.52
N GLU B 124 8.07 3.19 -8.03
CA GLU B 124 8.32 3.75 -9.35
C GLU B 124 8.46 2.59 -10.35
N TYR B 125 7.90 2.73 -11.56
CA TYR B 125 7.94 1.66 -12.61
C TYR B 125 8.61 1.94 -13.96
N PRO B 126 9.92 1.92 -14.03
CA PRO B 126 10.64 2.16 -15.30
C PRO B 126 10.49 0.95 -16.20
N GLU B 127 10.65 1.19 -17.50
CA GLU B 127 10.49 0.13 -18.47
C GLU B 127 11.11 -1.17 -18.03
N PRO B 128 12.38 -1.12 -17.72
CA PRO B 128 13.09 -2.30 -17.23
C PRO B 128 12.22 -3.00 -16.19
N LEU B 129 11.76 -2.31 -15.17
CA LEU B 129 10.94 -2.99 -14.21
C LEU B 129 9.69 -3.61 -14.85
N LEU B 130 9.07 -2.88 -15.77
CA LEU B 130 7.87 -3.41 -16.41
C LEU B 130 8.24 -4.69 -17.11
N ALA B 131 9.35 -4.60 -17.81
CA ALA B 131 9.86 -5.73 -18.54
C ALA B 131 9.99 -6.98 -17.65
N MET B 132 10.71 -6.88 -16.54
CA MET B 132 10.90 -8.01 -15.67
C MET B 132 9.57 -8.60 -15.28
N LEU B 133 8.67 -7.72 -14.88
CA LEU B 133 7.37 -8.15 -14.47
C LEU B 133 6.71 -9.08 -15.49
N GLU B 134 6.71 -8.68 -16.76
CA GLU B 134 6.10 -9.51 -17.78
C GLU B 134 6.73 -10.89 -17.75
N GLU B 135 8.04 -10.92 -17.54
CA GLU B 135 8.77 -12.19 -17.49
C GLU B 135 8.14 -13.15 -16.54
N TYR B 136 7.28 -12.65 -15.66
CA TYR B 136 6.67 -13.55 -14.72
C TYR B 136 5.21 -13.48 -14.75
N ARG B 137 4.71 -13.10 -15.93
CA ARG B 137 3.29 -13.07 -16.09
C ARG B 137 2.69 -14.41 -15.74
N HIS B 138 3.47 -15.47 -15.79
CA HIS B 138 2.86 -16.74 -15.46
C HIS B 138 2.46 -16.85 -13.99
N ILE B 139 3.08 -16.06 -13.16
CA ILE B 139 2.69 -16.14 -11.76
C ILE B 139 1.66 -15.02 -11.61
N PRO B 140 0.49 -15.40 -11.18
CA PRO B 140 -0.62 -14.48 -10.98
C PRO B 140 -0.25 -13.28 -10.17
N MET B 141 -0.62 -12.09 -10.62
CA MET B 141 -0.30 -10.91 -9.83
C MET B 141 -1.17 -9.63 -9.89
N VAL B 142 -1.11 -8.82 -8.86
CA VAL B 142 -1.85 -7.58 -8.92
C VAL B 142 -0.95 -6.47 -8.39
N VAL B 143 -0.86 -5.38 -9.15
CA VAL B 143 -0.05 -4.23 -8.74
C VAL B 143 -0.99 -3.40 -7.89
N MET B 144 -0.53 -2.92 -6.75
CA MET B 144 -1.39 -2.13 -5.90
C MET B 144 -1.10 -0.67 -5.95
N ASP B 145 -0.11 -0.24 -6.72
CA ASP B 145 0.22 1.18 -6.73
C ASP B 145 0.20 2.09 -7.97
N TRP B 146 -0.51 1.66 -9.01
CA TRP B 146 -0.58 2.45 -10.22
C TRP B 146 -1.78 3.38 -10.18
N GLY B 147 -1.76 4.38 -11.03
CA GLY B 147 -2.88 5.27 -11.02
C GLY B 147 -3.89 4.80 -12.04
N GLU B 148 -3.38 4.22 -13.13
CA GLU B 148 -4.17 3.69 -14.23
C GLU B 148 -3.47 2.42 -14.56
N ALA B 149 -4.09 1.50 -15.29
CA ALA B 149 -3.35 0.27 -15.59
C ALA B 149 -2.29 0.28 -16.68
N LYS B 150 -1.04 0.11 -16.27
CA LYS B 150 0.10 0.09 -17.16
C LYS B 150 0.45 -1.19 -17.92
N ALA B 151 -0.30 -2.28 -17.73
CA ALA B 151 0.00 -3.53 -18.41
C ALA B 151 -1.15 -4.46 -18.41
N ASP B 152 -1.21 -5.23 -19.47
CA ASP B 152 -2.28 -6.18 -19.66
C ASP B 152 -2.05 -7.51 -18.93
N PHE B 153 -0.88 -7.69 -18.36
CA PHE B 153 -0.70 -8.96 -17.73
C PHE B 153 -0.87 -8.99 -16.23
N THR B 154 -1.57 -8.00 -15.68
CA THR B 154 -1.79 -7.96 -14.24
C THR B 154 -3.05 -7.32 -13.83
N ASP B 155 -3.44 -7.60 -12.59
CA ASP B 155 -4.61 -6.94 -12.08
C ASP B 155 -4.10 -5.60 -11.50
N ALA B 156 -5.03 -4.67 -11.25
CA ALA B 156 -4.66 -3.37 -10.71
C ALA B 156 -5.73 -2.85 -9.80
N VAL B 157 -5.32 -2.09 -8.82
CA VAL B 157 -6.31 -1.53 -7.96
C VAL B 157 -5.86 -0.08 -8.18
N ILE B 158 -6.82 0.82 -8.41
CA ILE B 158 -6.53 2.23 -8.65
C ILE B 158 -7.18 3.05 -7.56
N ASP B 159 -6.42 4.06 -7.12
CA ASP B 159 -6.81 4.94 -6.01
C ASP B 159 -7.37 6.31 -6.25
N ASN B 160 -7.39 6.78 -7.49
CA ASN B 160 -7.95 8.10 -7.75
C ASN B 160 -7.17 9.22 -7.04
N ALA B 161 -5.88 9.14 -7.19
CA ALA B 161 -4.99 10.09 -6.61
C ALA B 161 -5.23 11.46 -7.18
N PHE B 162 -5.79 11.51 -8.35
CA PHE B 162 -6.04 12.81 -8.96
C PHE B 162 -7.28 13.40 -8.36
N GLU B 163 -8.29 12.59 -8.07
CA GLU B 163 -9.48 13.17 -7.49
C GLU B 163 -9.25 13.59 -6.02
N GLY B 164 -8.25 13.02 -5.40
CA GLY B 164 -7.96 13.37 -4.02
C GLY B 164 -7.18 14.67 -4.05
N GLY B 165 -6.34 14.80 -5.05
CA GLY B 165 -5.53 16.01 -5.22
C GLY B 165 -6.45 17.20 -5.46
N TYR B 166 -7.44 17.00 -6.33
CA TYR B 166 -8.42 18.01 -6.65
C TYR B 166 -9.17 18.29 -5.38
N MET B 167 -9.53 17.28 -4.61
CA MET B 167 -10.25 17.57 -3.39
C MET B 167 -9.52 18.50 -2.47
N ALA B 168 -8.21 18.33 -2.41
CA ALA B 168 -7.42 19.14 -1.53
C ALA B 168 -7.44 20.61 -1.92
N GLY B 169 -7.12 20.89 -3.16
CA GLY B 169 -7.12 22.27 -3.61
C GLY B 169 -8.49 22.93 -3.38
N ARG B 170 -9.54 22.21 -3.73
CA ARG B 170 -10.86 22.77 -3.56
C ARG B 170 -11.10 23.31 -2.18
N TYR B 171 -10.90 22.44 -1.22
CA TYR B 171 -11.06 22.75 0.18
C TYR B 171 -10.32 24.03 0.45
N LEU B 172 -9.08 24.05 0.03
CA LEU B 172 -8.31 25.25 0.25
C LEU B 172 -9.03 26.41 -0.38
N ILE B 173 -9.35 26.29 -1.65
CA ILE B 173 -10.05 27.34 -2.33
C ILE B 173 -11.30 27.79 -1.63
N GLU B 174 -12.13 26.83 -1.30
CA GLU B 174 -13.36 27.13 -0.61
C GLU B 174 -13.18 27.69 0.80
N ARG B 175 -12.00 27.56 1.41
CA ARG B 175 -11.84 28.08 2.76
C ARG B 175 -11.32 29.51 2.81
N GLY B 176 -10.99 30.08 1.66
CA GLY B 176 -10.54 31.46 1.65
C GLY B 176 -9.21 31.67 1.04
N HIS B 177 -8.58 30.61 0.58
CA HIS B 177 -7.24 30.70 0.01
C HIS B 177 -6.96 30.92 -1.51
N ARG B 178 -5.89 31.66 -1.83
CA ARG B 178 -5.49 31.92 -3.22
C ARG B 178 -3.96 31.86 -3.32
N GLU B 179 -3.27 32.13 -2.21
CA GLU B 179 -1.82 32.04 -2.21
C GLU B 179 -1.53 30.73 -1.48
N ILE B 180 -1.26 29.71 -2.29
CA ILE B 180 -1.01 28.37 -1.78
C ILE B 180 0.22 27.74 -2.35
N GLY B 181 0.82 26.88 -1.56
CA GLY B 181 2.02 26.18 -1.95
C GLY B 181 1.81 24.69 -1.91
N VAL B 182 2.74 23.99 -2.53
CA VAL B 182 2.68 22.55 -2.61
C VAL B 182 4.05 21.90 -2.53
N ILE B 183 4.06 20.81 -1.80
CA ILE B 183 5.24 20.03 -1.63
C ILE B 183 4.75 18.69 -2.02
N PRO B 184 4.98 18.35 -3.27
CA PRO B 184 4.55 17.03 -3.81
C PRO B 184 5.56 15.92 -3.52
N GLY B 185 5.15 14.68 -3.70
CA GLY B 185 6.07 13.54 -3.48
C GLY B 185 6.65 13.26 -4.88
N PRO B 186 7.64 12.39 -4.97
CA PRO B 186 8.27 12.04 -6.26
C PRO B 186 7.34 11.87 -7.45
N LEU B 187 7.59 12.67 -8.46
CA LEU B 187 6.80 12.67 -9.69
C LEU B 187 6.74 11.36 -10.41
N GLU B 188 7.66 10.49 -10.06
CA GLU B 188 7.74 9.17 -10.68
C GLU B 188 6.79 8.22 -10.01
N ARG B 189 5.92 8.78 -9.21
CA ARG B 189 4.97 7.98 -8.50
C ARG B 189 3.60 8.51 -8.73
N ASN B 190 2.63 7.64 -8.54
CA ASN B 190 1.24 7.97 -8.69
C ASN B 190 0.90 9.01 -7.61
N THR B 191 1.06 8.54 -6.37
CA THR B 191 0.82 9.30 -5.18
C THR B 191 1.59 10.60 -5.29
N GLY B 192 2.61 10.64 -6.16
CA GLY B 192 3.40 11.86 -6.36
C GLY B 192 2.70 12.65 -7.47
N ALA B 193 3.12 12.39 -8.68
CA ALA B 193 2.56 12.99 -9.85
C ALA B 193 1.04 13.18 -9.83
N GLY B 194 0.36 12.09 -9.56
CA GLY B 194 -1.07 12.09 -9.55
C GLY B 194 -1.75 13.01 -8.63
N ARG B 195 -1.30 13.02 -7.40
CA ARG B 195 -1.94 13.89 -6.46
C ARG B 195 -1.70 15.33 -6.88
N LEU B 196 -0.51 15.60 -7.34
CA LEU B 196 -0.19 16.95 -7.74
C LEU B 196 -1.05 17.47 -8.87
N ALA B 197 -1.31 16.60 -9.82
CA ALA B 197 -2.11 17.02 -10.94
C ALA B 197 -3.55 17.31 -10.56
N GLY B 198 -4.15 16.46 -9.76
CA GLY B 198 -5.53 16.71 -9.36
C GLY B 198 -5.50 18.05 -8.63
N PHE B 199 -4.48 18.22 -7.82
CA PHE B 199 -4.36 19.47 -7.10
C PHE B 199 -4.14 20.64 -8.05
N MET B 200 -3.36 20.44 -9.09
CA MET B 200 -3.18 21.57 -9.96
C MET B 200 -4.42 21.95 -10.80
N LYS B 201 -5.24 20.94 -11.16
CA LYS B 201 -6.43 21.21 -11.96
C LYS B 201 -7.37 22.17 -11.26
N ALA B 202 -7.66 21.84 -10.01
CA ALA B 202 -8.53 22.65 -9.18
C ALA B 202 -8.12 24.12 -9.22
N MET B 203 -6.79 24.35 -9.21
CA MET B 203 -6.20 25.68 -9.26
C MET B 203 -6.47 26.38 -10.57
N GLU B 204 -6.16 25.72 -11.70
CA GLU B 204 -6.41 26.35 -12.99
C GLU B 204 -7.84 26.74 -13.04
N GLU B 205 -8.69 25.84 -12.59
CA GLU B 205 -10.10 26.12 -12.59
C GLU B 205 -10.29 27.40 -11.90
N ALA B 206 -9.61 27.60 -10.78
CA ALA B 206 -9.79 28.86 -10.07
C ALA B 206 -8.92 29.99 -10.54
N MET B 207 -8.18 29.82 -11.62
CA MET B 207 -7.33 30.90 -12.08
C MET B 207 -6.30 31.29 -11.00
N ILE B 208 -5.83 30.26 -10.32
CA ILE B 208 -4.86 30.45 -9.29
C ILE B 208 -3.66 29.87 -9.94
N LYS B 209 -2.58 30.62 -9.84
CA LYS B 209 -1.29 30.25 -10.42
C LYS B 209 -0.39 29.97 -9.26
N VAL B 210 0.35 28.90 -9.32
CA VAL B 210 1.19 28.73 -8.18
C VAL B 210 2.55 28.94 -8.73
N PRO B 211 3.16 30.00 -8.22
CA PRO B 211 4.50 30.43 -8.55
C PRO B 211 5.49 29.31 -8.24
N GLU B 212 6.39 29.06 -9.17
CA GLU B 212 7.36 28.00 -8.99
C GLU B 212 8.19 27.95 -7.68
N SER B 213 8.37 29.10 -7.05
CA SER B 213 9.10 29.13 -5.78
C SER B 213 8.18 28.61 -4.72
N TRP B 214 6.98 28.26 -5.11
CA TRP B 214 6.07 27.80 -4.12
C TRP B 214 5.86 26.31 -4.24
N ILE B 215 6.49 25.71 -5.24
CA ILE B 215 6.32 24.28 -5.33
C ILE B 215 7.63 23.55 -4.96
N VAL B 216 7.64 22.77 -3.89
CA VAL B 216 8.88 22.13 -3.51
C VAL B 216 8.71 20.64 -3.34
N GLN B 217 9.52 19.89 -4.10
CA GLN B 217 9.49 18.43 -4.11
C GLN B 217 9.83 17.78 -2.82
N GLY B 218 9.05 16.79 -2.42
CA GLY B 218 9.31 16.06 -1.19
C GLY B 218 9.70 14.67 -1.68
N ASP B 219 9.93 13.74 -0.75
CA ASP B 219 10.29 12.37 -1.09
C ASP B 219 9.47 11.48 -0.14
N PHE B 220 8.46 12.08 0.46
CA PHE B 220 7.58 11.42 1.41
C PHE B 220 8.13 11.29 2.81
N GLU B 221 9.36 11.74 3.02
CA GLU B 221 9.94 11.62 4.35
C GLU B 221 9.98 12.93 5.11
N PRO B 222 9.72 12.83 6.39
CA PRO B 222 9.70 14.00 7.30
C PRO B 222 10.74 15.02 7.00
N GLU B 223 11.96 14.58 6.76
CA GLU B 223 12.95 15.58 6.45
C GLU B 223 12.58 16.49 5.26
N SER B 224 12.11 15.92 4.14
CA SER B 224 11.74 16.73 2.96
C SER B 224 10.66 17.71 3.36
N GLY B 225 9.75 17.23 4.21
CA GLY B 225 8.66 18.05 4.73
C GLY B 225 9.30 19.27 5.40
N TYR B 226 10.26 18.98 6.26
CA TYR B 226 10.98 20.02 6.96
C TYR B 226 11.65 20.99 5.92
N ARG B 227 12.65 20.54 5.18
CA ARG B 227 13.32 21.39 4.20
C ARG B 227 12.39 22.28 3.35
N ALA B 228 11.37 21.67 2.76
CA ALA B 228 10.42 22.38 1.91
C ALA B 228 9.65 23.44 2.67
N MET B 229 8.95 23.04 3.70
CA MET B 229 8.18 24.00 4.47
C MET B 229 9.01 25.17 4.78
N GLN B 230 10.27 24.88 5.05
CA GLN B 230 11.23 25.91 5.38
C GLN B 230 11.46 26.76 4.17
N GLN B 231 11.91 26.15 3.08
CA GLN B 231 12.16 26.93 1.90
C GLN B 231 10.94 27.75 1.51
N ILE B 232 9.74 27.24 1.75
CA ILE B 232 8.56 28.01 1.41
C ILE B 232 8.38 29.30 2.21
N LEU B 233 8.38 29.17 3.53
CA LEU B 233 8.21 30.32 4.41
C LEU B 233 9.46 31.15 4.48
N SER B 234 10.61 30.59 4.12
CA SER B 234 11.84 31.34 4.15
C SER B 234 11.80 32.53 3.18
N GLN B 235 10.81 32.53 2.28
CA GLN B 235 10.67 33.60 1.31
C GLN B 235 10.04 34.95 1.65
N PRO B 236 10.32 35.98 0.82
CA PRO B 236 9.81 37.33 1.07
C PRO B 236 8.33 37.29 1.18
N HIS B 237 7.79 36.69 0.11
CA HIS B 237 6.38 36.47 -0.13
C HIS B 237 6.09 34.99 0.10
N ARG B 238 5.12 34.72 0.96
CA ARG B 238 4.78 33.34 1.25
C ARG B 238 3.26 33.13 1.24
N PRO B 239 2.85 31.91 0.84
CA PRO B 239 1.45 31.53 0.75
C PRO B 239 0.79 31.53 2.09
N THR B 240 -0.51 31.33 2.05
CA THR B 240 -1.29 31.33 3.27
C THR B 240 -1.74 29.95 3.50
N ALA B 241 -1.35 29.08 2.60
CA ALA B 241 -1.78 27.72 2.79
C ALA B 241 -0.92 26.80 2.01
N VAL B 242 -0.72 25.62 2.57
CA VAL B 242 0.07 24.62 1.90
C VAL B 242 -0.51 23.23 1.78
N PHE B 243 -0.35 22.73 0.57
CA PHE B 243 -0.84 21.41 0.31
C PHE B 243 0.37 20.50 0.30
N CYS B 244 0.38 19.55 1.23
CA CYS B 244 1.50 18.61 1.36
C CYS B 244 1.14 17.15 0.98
N GLY B 245 1.83 16.69 -0.06
CA GLY B 245 1.70 15.35 -0.67
C GLY B 245 1.42 14.09 0.13
N GLY B 246 1.78 14.11 1.43
CA GLY B 246 1.61 12.98 2.34
C GLY B 246 1.70 13.45 3.82
N ASP B 247 1.01 12.71 4.68
CA ASP B 247 1.00 13.04 6.09
C ASP B 247 2.33 13.14 6.81
N ILE B 248 3.27 12.24 6.53
CA ILE B 248 4.56 12.31 7.23
C ILE B 248 5.36 13.54 6.87
N MET B 249 5.51 13.81 5.58
CA MET B 249 6.24 15.00 5.17
C MET B 249 5.43 16.12 5.84
N ALA B 250 4.11 15.91 5.96
CA ALA B 250 3.30 16.94 6.57
C ALA B 250 3.77 17.22 7.93
N MET B 251 3.90 16.12 8.64
CA MET B 251 4.32 16.24 9.98
C MET B 251 5.65 16.92 9.97
N GLY B 252 6.37 16.88 8.86
CA GLY B 252 7.69 17.54 8.87
C GLY B 252 7.54 19.04 8.70
N ALA B 253 6.57 19.43 7.90
CA ALA B 253 6.34 20.82 7.64
C ALA B 253 5.78 21.43 8.93
N LEU B 254 5.08 20.65 9.74
CA LEU B 254 4.59 21.27 10.93
C LEU B 254 5.79 21.67 11.81
N CYS B 255 6.78 20.76 11.97
CA CYS B 255 7.97 21.03 12.79
C CYS B 255 8.62 22.35 12.46
N ALA B 256 9.13 22.42 11.24
CA ALA B 256 9.79 23.60 10.75
C ALA B 256 9.02 24.90 11.00
N ALA B 257 7.72 24.89 10.72
CA ALA B 257 6.91 26.07 10.89
C ALA B 257 6.98 26.48 12.33
N ASP B 258 6.86 25.47 13.19
CA ASP B 258 6.93 25.74 14.60
C ASP B 258 8.32 26.23 14.92
N GLU B 259 9.31 25.64 14.29
CA GLU B 259 10.65 26.06 14.56
C GLU B 259 10.90 27.50 14.09
N MET B 260 10.27 27.92 12.98
CA MET B 260 10.47 29.29 12.51
C MET B 260 9.59 30.12 13.41
N GLY B 261 8.88 29.52 14.32
CA GLY B 261 8.05 30.37 15.16
C GLY B 261 6.72 30.69 14.47
N LEU B 262 6.39 30.00 13.35
CA LEU B 262 5.11 30.21 12.62
C LEU B 262 4.01 29.38 13.25
N ARG B 263 2.80 29.90 13.22
CA ARG B 263 1.67 29.22 13.81
C ARG B 263 0.77 28.44 12.88
N VAL B 264 0.44 27.21 13.27
CA VAL B 264 -0.47 26.43 12.44
C VAL B 264 -1.73 26.13 13.20
N PRO B 265 -2.86 26.48 12.59
CA PRO B 265 -2.92 27.03 11.27
C PRO B 265 -2.97 28.53 11.19
N GLN B 266 -2.86 29.18 12.33
CA GLN B 266 -2.91 30.63 12.37
C GLN B 266 -2.01 31.41 11.44
N ASP B 267 -0.79 30.95 11.21
CA ASP B 267 0.07 31.69 10.30
C ASP B 267 0.09 31.01 8.96
N VAL B 268 -0.16 29.70 8.95
CA VAL B 268 -0.17 28.95 7.69
C VAL B 268 -1.04 27.77 7.92
N SER B 269 -1.93 27.51 6.97
CA SER B 269 -2.80 26.36 7.09
C SER B 269 -2.09 25.28 6.29
N LEU B 270 -2.30 24.05 6.69
CA LEU B 270 -1.65 22.98 5.98
C LEU B 270 -2.59 21.83 5.78
N ILE B 271 -2.71 21.36 4.54
CA ILE B 271 -3.56 20.22 4.32
C ILE B 271 -2.68 19.01 3.99
N GLY B 272 -3.01 17.86 4.55
CA GLY B 272 -2.17 16.68 4.28
C GLY B 272 -2.69 15.74 3.22
N TYR B 273 -2.28 14.50 3.33
CA TYR B 273 -2.71 13.50 2.39
C TYR B 273 -2.24 12.15 2.72
N ASP B 274 -3.22 11.32 3.14
CA ASP B 274 -3.05 9.90 3.49
C ASP B 274 -3.90 9.42 4.64
N ASN B 275 -4.10 10.31 5.59
CA ASN B 275 -4.85 9.97 6.78
C ASN B 275 -4.26 8.78 7.39
N VAL B 276 -3.05 8.97 7.80
CA VAL B 276 -2.30 7.93 8.46
C VAL B 276 -2.79 7.74 9.91
N ARG B 277 -2.71 6.54 10.41
CA ARG B 277 -3.13 6.28 11.79
C ARG B 277 -2.85 7.29 12.89
N ASN B 278 -1.80 8.11 12.79
CA ASN B 278 -1.54 9.08 13.85
C ASN B 278 -1.78 10.53 13.51
N ALA B 279 -2.13 10.76 12.25
CA ALA B 279 -2.41 12.10 11.76
C ALA B 279 -3.28 12.88 12.73
N ARG B 280 -4.25 12.23 13.35
CA ARG B 280 -5.10 12.95 14.32
C ARG B 280 -4.31 13.39 15.54
N TYR B 281 -3.18 12.76 15.73
CA TYR B 281 -2.44 13.14 16.87
C TYR B 281 -1.29 14.03 16.52
N PHE B 282 -1.19 14.42 15.24
CA PHE B 282 -0.14 15.36 14.86
C PHE B 282 -0.65 16.58 15.65
N THR B 283 0.18 17.60 15.74
CA THR B 283 -0.19 18.78 16.53
C THR B 283 0.06 19.98 15.66
N PRO B 284 -1.00 20.63 15.20
CA PRO B 284 -2.38 20.30 15.51
C PRO B 284 -2.87 19.11 14.78
N ALA B 285 -4.04 18.60 15.20
CA ALA B 285 -4.59 17.42 14.57
C ALA B 285 -4.74 17.78 13.11
N LEU B 286 -4.15 16.96 12.27
CA LEU B 286 -4.14 17.21 10.87
C LEU B 286 -5.30 16.98 9.99
N THR B 287 -5.73 18.00 9.27
CA THR B 287 -6.80 17.86 8.31
C THR B 287 -6.06 17.27 7.07
N THR B 288 -6.55 16.13 6.60
CA THR B 288 -5.92 15.51 5.43
C THR B 288 -6.95 14.80 4.55
N ILE B 289 -6.48 14.31 3.42
CA ILE B 289 -7.33 13.56 2.55
C ILE B 289 -7.03 12.11 2.95
N HIS B 290 -8.08 11.32 3.14
CA HIS B 290 -7.90 9.94 3.54
C HIS B 290 -7.85 8.94 2.40
N GLN B 291 -6.88 8.04 2.48
CA GLN B 291 -6.73 6.98 1.49
C GLN B 291 -7.12 5.70 2.18
N PRO B 292 -8.08 5.01 1.60
CA PRO B 292 -8.59 3.75 2.15
C PRO B 292 -7.45 2.74 2.05
N LYS B 293 -6.64 2.64 3.08
CA LYS B 293 -5.56 1.72 2.99
C LYS B 293 -5.93 0.24 3.06
N ASP B 294 -6.72 -0.10 4.06
CA ASP B 294 -7.18 -1.46 4.29
C ASP B 294 -7.93 -2.08 3.10
N SER B 295 -8.87 -1.32 2.57
CA SER B 295 -9.69 -1.73 1.46
C SER B 295 -8.69 -1.88 0.37
N LEU B 296 -7.78 -0.92 0.31
CA LEU B 296 -6.72 -0.97 -0.70
C LEU B 296 -6.03 -2.33 -0.55
N GLY B 297 -5.93 -2.82 0.67
CA GLY B 297 -5.30 -4.09 0.89
C GLY B 297 -6.16 -5.25 0.49
N GLU B 298 -7.26 -5.44 1.22
CA GLU B 298 -8.14 -6.56 0.95
C GLU B 298 -8.59 -6.57 -0.44
N THR B 299 -8.82 -5.41 -1.01
CA THR B 299 -9.24 -5.48 -2.39
C THR B 299 -8.18 -6.17 -3.30
N ALA B 300 -6.93 -5.89 -3.04
CA ALA B 300 -5.87 -6.49 -3.84
C ALA B 300 -5.87 -8.01 -3.61
N PHE B 301 -5.96 -8.37 -2.34
CA PHE B 301 -5.93 -9.78 -2.01
C PHE B 301 -6.99 -10.50 -2.73
N ASN B 302 -8.14 -9.89 -2.71
CA ASN B 302 -9.25 -10.50 -3.34
C ASN B 302 -9.06 -10.75 -4.82
N MET B 303 -8.64 -9.74 -5.55
CA MET B 303 -8.40 -9.96 -6.98
C MET B 303 -7.38 -11.10 -7.11
N LEU B 304 -6.29 -11.06 -6.32
CA LEU B 304 -5.30 -12.14 -6.40
C LEU B 304 -5.96 -13.53 -6.29
N LEU B 305 -6.55 -13.82 -5.13
CA LEU B 305 -7.21 -15.08 -4.90
C LEU B 305 -8.03 -15.59 -6.04
N ASP B 306 -8.84 -14.68 -6.56
CA ASP B 306 -9.70 -14.98 -7.67
C ASP B 306 -8.89 -15.60 -8.79
N ARG B 307 -7.93 -14.82 -9.25
CA ARG B 307 -7.07 -15.23 -10.33
C ARG B 307 -6.50 -16.59 -9.97
N ILE B 308 -6.17 -16.75 -8.70
CA ILE B 308 -5.62 -18.00 -8.23
C ILE B 308 -6.69 -19.02 -8.32
N VAL B 309 -7.62 -19.02 -7.37
CA VAL B 309 -8.62 -20.05 -7.46
C VAL B 309 -9.50 -20.13 -8.70
N ASN B 310 -10.18 -19.06 -9.03
CA ASN B 310 -11.05 -19.10 -10.19
C ASN B 310 -10.26 -19.02 -11.49
N LYS B 311 -8.97 -19.24 -11.37
CA LYS B 311 -8.08 -19.20 -12.53
C LYS B 311 -8.37 -18.18 -13.60
N ARG B 312 -8.89 -17.00 -13.21
CA ARG B 312 -9.18 -16.00 -14.22
C ARG B 312 -7.93 -15.66 -15.02
N GLU B 313 -8.12 -15.31 -16.27
CA GLU B 313 -7.00 -15.00 -17.14
C GLU B 313 -6.92 -13.55 -17.56
N GLU B 314 -8.07 -12.89 -17.46
CA GLU B 314 -8.17 -11.48 -17.84
C GLU B 314 -7.92 -10.51 -16.71
N PRO B 315 -7.10 -9.54 -17.06
CA PRO B 315 -6.72 -8.50 -16.17
C PRO B 315 -7.95 -7.73 -15.70
N GLN B 316 -7.97 -7.45 -14.42
CA GLN B 316 -9.08 -6.72 -13.88
C GLN B 316 -8.48 -5.47 -13.27
N SER B 317 -9.34 -4.54 -12.90
CA SER B 317 -8.88 -3.31 -12.30
C SER B 317 -9.95 -2.69 -11.43
N ILE B 318 -9.69 -2.58 -10.13
CA ILE B 318 -10.68 -1.99 -9.27
C ILE B 318 -10.26 -0.62 -8.80
N GLU B 319 -11.22 0.28 -8.69
CA GLU B 319 -11.00 1.64 -8.25
C GLU B 319 -11.41 1.74 -6.78
N VAL B 320 -10.76 2.62 -6.05
CA VAL B 320 -11.07 2.82 -4.64
C VAL B 320 -11.18 4.34 -4.47
N HIS B 321 -11.82 4.86 -3.41
CA HIS B 321 -11.91 6.32 -3.28
C HIS B 321 -11.42 7.14 -2.11
N PRO B 322 -10.68 8.20 -2.44
CA PRO B 322 -10.13 9.13 -1.44
C PRO B 322 -11.26 9.95 -0.84
N ARG B 323 -11.03 10.53 0.32
CA ARG B 323 -12.07 11.33 0.94
C ARG B 323 -11.51 12.32 2.00
N LEU B 324 -12.03 13.53 2.03
CA LEU B 324 -11.55 14.55 2.93
C LEU B 324 -11.83 14.28 4.38
N ILE B 325 -10.86 14.63 5.24
CA ILE B 325 -11.06 14.43 6.65
C ILE B 325 -10.76 15.75 7.26
N GLU B 326 -11.76 16.42 7.81
CA GLU B 326 -11.46 17.71 8.38
C GLU B 326 -10.99 17.67 9.81
N ARG B 327 -9.80 18.20 10.06
CA ARG B 327 -9.22 18.25 11.39
C ARG B 327 -8.88 19.72 11.80
N ARG B 328 -7.80 19.95 12.52
CA ARG B 328 -7.55 21.33 12.90
C ARG B 328 -6.46 22.12 12.30
N SER B 329 -5.84 21.65 11.25
CA SER B 329 -4.75 22.40 10.67
C SER B 329 -5.08 23.42 9.56
N VAL B 330 -6.37 23.58 9.25
CA VAL B 330 -6.73 24.55 8.23
C VAL B 330 -7.60 25.60 8.84
N ALA B 331 -7.50 26.79 8.27
CA ALA B 331 -8.22 27.97 8.71
C ALA B 331 -8.74 28.82 7.55
N ASP B 332 -9.78 29.61 7.82
CA ASP B 332 -10.35 30.43 6.74
C ASP B 332 -9.34 31.31 6.03
N GLY B 333 -9.37 31.39 4.72
CA GLY B 333 -8.40 32.23 4.03
C GLY B 333 -8.94 33.65 3.94
N PRO B 334 -8.14 34.55 3.43
CA PRO B 334 -8.58 35.93 3.31
C PRO B 334 -9.81 36.16 2.41
N PHE B 335 -10.05 35.26 1.48
CA PHE B 335 -11.20 35.43 0.61
C PHE B 335 -12.48 34.71 0.99
N ARG B 336 -12.51 34.14 2.18
CA ARG B 336 -13.71 33.42 2.55
C ARG B 336 -14.94 34.26 2.40
N ASP B 337 -15.04 35.37 3.09
CA ASP B 337 -16.26 36.16 2.96
C ASP B 337 -16.63 36.65 1.59
N TYR B 338 -15.68 36.67 0.67
CA TYR B 338 -15.96 37.16 -0.70
C TYR B 338 -16.38 36.09 -1.69
N ARG B 339 -17.17 35.12 -1.26
CA ARG B 339 -17.64 34.03 -2.11
C ARG B 339 -19.15 33.79 -2.06
#